data_3VRJ
#
_entry.id   3VRJ
#
_cell.length_a   64.291
_cell.length_b   49.005
_cell.length_c   70.875
_cell.angle_alpha   90.00
_cell.angle_beta   99.53
_cell.angle_gamma   90.00
#
_symmetry.space_group_name_H-M   'P 1 21 1'
#
loop_
_entity.id
_entity.type
_entity.pdbx_description
1 polymer 'HLA class I histocompatibility antigen, B-57 alpha chain'
2 polymer Beta-2-microglobulin
3 polymer '10-mer peptide'
4 non-polymer {(1S,4R)-4-[2-amino-6-(cyclopropylamino)-9H-purin-9-yl]cyclopent-2-en-1-yl}methanol
5 water water
#
loop_
_entity_poly.entity_id
_entity_poly.type
_entity_poly.pdbx_seq_one_letter_code
_entity_poly.pdbx_strand_id
1 'polypeptide(L)'
;GSHSMRYFYTAMSRPGRGEPRFIAVGYVDDTQFVRFDSDAASPRMAPRAPWIEQEGPEYWDGETRNMKASAQTYRENLRI
ALRYYNQSEAGSHIIQVMYGCDVGPDGRLLRGHDQSAYDGKDYIALNEDLSSWTAADTAAQITQRKWEAARVAEQLRAYL
EGLCVEWLRRYLENGKETLQRADPPKTHVTHHPISDHEATLRCWALGFYPAEITLTWQRDGEDQTQDTELVETRPAGDRT
FQKWAAVVVPSGEEQRYTCHVQHEGLPKPLTLRWEP
;
A
2 'polypeptide(L)'
;MIQRTPKIQVYSRHPAENGKSNFLNCYVSGFHPSDIEVDLLKNGERIEKVEHSDLSFSKDWSFYLLYYTEFTPTEKDEYA
CRVNHVTLSQPKIVKWDRDM
;
B
3 'polypeptide(L)' LTTKLTNTNI C
#
# COMPACT_ATOMS: atom_id res chain seq x y z
N SER A 2 -12.18 7.41 14.45
CA SER A 2 -10.73 7.41 14.65
C SER A 2 -9.97 7.34 13.32
N HIS A 3 -8.95 8.19 13.16
CA HIS A 3 -8.34 8.42 11.85
C HIS A 3 -6.84 8.62 11.88
N SER A 4 -6.20 8.54 10.72
CA SER A 4 -4.74 8.66 10.66
C SER A 4 -4.27 9.44 9.44
N MET A 5 -3.14 10.11 9.58
CA MET A 5 -2.41 10.64 8.44
C MET A 5 -1.00 10.08 8.47
N ARG A 6 -0.53 9.56 7.34
CA ARG A 6 0.76 8.90 7.27
C ARG A 6 1.52 9.32 6.03
N TYR A 7 2.78 9.71 6.20
CA TYR A 7 3.65 9.94 5.06
C TYR A 7 4.69 8.83 5.00
N PHE A 8 5.00 8.39 3.78
CA PHE A 8 5.99 7.34 3.58
C PHE A 8 7.02 7.89 2.61
N TYR A 9 8.25 8.05 3.08
CA TYR A 9 9.35 8.52 2.24
C TYR A 9 10.26 7.35 1.94
N THR A 10 10.66 7.19 0.68
CA THR A 10 11.64 6.18 0.31
C THR A 10 12.77 6.87 -0.44
N ALA A 11 14.01 6.60 -0.04
CA ALA A 11 15.18 7.07 -0.78
C ALA A 11 16.05 5.88 -1.16
N MET A 12 16.42 5.80 -2.44
CA MET A 12 17.12 4.62 -2.95
C MET A 12 18.33 5.06 -3.78
N SER A 13 19.52 4.67 -3.34
CA SER A 13 20.71 4.98 -4.12
C SER A 13 20.80 4.02 -5.30
N ARG A 14 21.55 4.41 -6.32
CA ARG A 14 21.64 3.62 -7.55
C ARG A 14 22.88 4.03 -8.32
N PRO A 15 24.06 3.71 -7.77
CA PRO A 15 25.33 4.11 -8.38
C PRO A 15 25.44 3.64 -9.83
N GLY A 16 25.92 4.51 -10.70
CA GLY A 16 25.97 4.24 -12.12
C GLY A 16 24.70 4.69 -12.83
N ARG A 17 23.63 4.88 -12.05
CA ARG A 17 22.33 5.24 -12.62
C ARG A 17 21.83 6.60 -12.12
N GLY A 18 22.75 7.42 -11.61
CA GLY A 18 22.40 8.77 -11.19
C GLY A 18 22.19 8.93 -9.70
N GLU A 19 21.79 10.14 -9.30
CA GLU A 19 21.56 10.46 -7.90
C GLU A 19 20.40 9.62 -7.35
N PRO A 20 20.38 9.39 -6.03
CA PRO A 20 19.33 8.56 -5.43
C PRO A 20 17.92 9.05 -5.75
N ARG A 21 17.00 8.11 -5.95
CA ARG A 21 15.63 8.46 -6.20
C ARG A 21 14.92 8.69 -4.88
N PHE A 22 14.07 9.72 -4.82
CA PHE A 22 13.29 10.02 -3.63
C PHE A 22 11.82 10.03 -3.97
N ILE A 23 11.05 9.21 -3.26
CA ILE A 23 9.60 9.12 -3.48
C ILE A 23 8.88 9.31 -2.16
N ALA A 24 7.87 10.16 -2.15
CA ALA A 24 7.05 10.32 -0.96
C ALA A 24 5.58 10.16 -1.32
N VAL A 25 4.82 9.47 -0.47
CA VAL A 25 3.38 9.38 -0.65
C VAL A 25 2.70 9.68 0.67
N GLY A 26 1.50 10.25 0.60
CA GLY A 26 0.76 10.60 1.79
C GLY A 26 -0.59 9.92 1.80
N TYR A 27 -0.99 9.41 2.95
CA TYR A 27 -2.31 8.80 3.10
C TYR A 27 -3.10 9.47 4.22
N VAL A 28 -4.40 9.57 4.03
CA VAL A 28 -5.33 9.76 5.14
C VAL A 28 -6.12 8.46 5.21
N ASP A 29 -6.08 7.81 6.37
CA ASP A 29 -6.59 6.44 6.50
C ASP A 29 -6.07 5.56 5.35
N ASP A 30 -6.97 4.94 4.60
CA ASP A 30 -6.58 4.08 3.49
C ASP A 30 -6.57 4.77 2.12
N THR A 31 -6.61 6.10 2.11
CA THR A 31 -6.70 6.84 0.86
C THR A 31 -5.43 7.64 0.59
N GLN A 32 -4.77 7.35 -0.53
CA GLN A 32 -3.60 8.14 -0.90
C GLN A 32 -4.05 9.50 -1.44
N PHE A 33 -3.42 10.58 -0.99
CA PHE A 33 -3.88 11.90 -1.41
C PHE A 33 -2.79 12.77 -2.06
N VAL A 34 -1.54 12.44 -1.82
CA VAL A 34 -0.42 13.15 -2.45
C VAL A 34 0.72 12.23 -2.83
N ARG A 35 1.53 12.65 -3.79
CA ARG A 35 2.75 11.94 -4.14
C ARG A 35 3.83 12.91 -4.59
N PHE A 36 5.07 12.48 -4.47
CA PHE A 36 6.22 13.20 -5.02
C PHE A 36 7.19 12.16 -5.53
N ASP A 37 7.74 12.37 -6.72
CA ASP A 37 8.76 11.49 -7.27
C ASP A 37 9.86 12.33 -7.92
N SER A 38 11.09 12.15 -7.46
CA SER A 38 12.22 12.89 -8.00
C SER A 38 12.55 12.48 -9.44
N ASP A 39 11.98 11.37 -9.89
CA ASP A 39 12.16 10.89 -11.27
C ASP A 39 11.00 11.30 -12.17
N ALA A 40 10.21 12.27 -11.71
CA ALA A 40 9.16 12.85 -12.54
C ALA A 40 9.73 13.98 -13.39
N ALA A 41 9.05 14.30 -14.49
CA ALA A 41 9.53 15.30 -15.45
C ALA A 41 9.69 16.68 -14.81
N SER A 42 8.60 17.16 -14.21
CA SER A 42 8.67 18.33 -13.34
C SER A 42 8.31 17.89 -11.93
N PRO A 43 9.32 17.42 -11.18
CA PRO A 43 9.11 16.84 -9.84
C PRO A 43 8.44 17.81 -8.88
N ARG A 44 7.25 17.45 -8.41
CA ARG A 44 6.51 18.30 -7.50
C ARG A 44 5.49 17.48 -6.72
N MET A 45 5.05 17.99 -5.59
CA MET A 45 3.97 17.35 -4.85
C MET A 45 2.70 17.49 -5.68
N ALA A 46 1.98 16.38 -5.84
CA ALA A 46 0.81 16.33 -6.72
C ALA A 46 -0.35 15.59 -6.05
N PRO A 47 -1.60 16.02 -6.37
CA PRO A 47 -2.81 15.44 -5.79
C PRO A 47 -3.10 14.02 -6.29
N ARG A 48 -3.65 13.17 -5.42
CA ARG A 48 -4.03 11.82 -5.78
C ARG A 48 -5.43 11.47 -5.28
N ALA A 49 -6.06 12.44 -4.61
CA ALA A 49 -7.46 12.32 -4.19
C ALA A 49 -8.16 13.65 -4.47
N PRO A 50 -9.42 13.59 -4.94
CA PRO A 50 -10.14 14.78 -5.38
C PRO A 50 -10.27 15.91 -4.35
N TRP A 51 -10.38 15.57 -3.08
CA TRP A 51 -10.61 16.56 -2.02
C TRP A 51 -9.36 17.37 -1.61
N ILE A 52 -8.20 17.03 -2.16
CA ILE A 52 -6.99 17.80 -1.89
C ILE A 52 -6.73 18.78 -3.04
N GLU A 53 -7.45 18.61 -4.14
CA GLU A 53 -7.23 19.43 -5.31
C GLU A 53 -7.64 20.88 -5.09
N GLN A 54 -8.50 21.12 -4.11
CA GLN A 54 -8.95 22.48 -3.79
C GLN A 54 -7.88 23.25 -3.04
N GLU A 55 -6.78 22.60 -2.70
CA GLU A 55 -5.67 23.28 -2.06
C GLU A 55 -5.00 24.23 -3.06
N GLY A 56 -4.70 25.45 -2.60
CA GLY A 56 -4.14 26.49 -3.45
C GLY A 56 -2.68 26.27 -3.79
N PRO A 57 -2.15 27.13 -4.68
CA PRO A 57 -0.80 26.94 -5.23
C PRO A 57 0.30 27.12 -4.19
N GLU A 58 -0.01 27.78 -3.08
CA GLU A 58 0.98 27.95 -2.00
C GLU A 58 1.18 26.63 -1.24
N TYR A 59 0.13 25.81 -1.21
CA TYR A 59 0.21 24.49 -0.62
C TYR A 59 1.17 23.65 -1.45
N TRP A 60 0.88 23.53 -2.74
CA TRP A 60 1.68 22.70 -3.65
C TRP A 60 3.11 23.20 -3.80
N ASP A 61 3.30 24.50 -3.89
CA ASP A 61 4.66 25.05 -3.99
C ASP A 61 5.44 24.78 -2.71
N GLY A 62 4.76 24.94 -1.58
CA GLY A 62 5.40 24.74 -0.29
C GLY A 62 5.74 23.28 -0.04
N GLU A 63 4.81 22.38 -0.38
CA GLU A 63 5.06 20.95 -0.22
C GLU A 63 6.19 20.51 -1.14
N THR A 64 6.20 21.06 -2.36
CA THR A 64 7.25 20.75 -3.33
C THR A 64 8.61 21.22 -2.80
N ARG A 65 8.62 22.38 -2.17
CA ARG A 65 9.82 22.87 -1.51
C ARG A 65 10.30 21.90 -0.44
N ASN A 66 9.38 21.45 0.40
CA ASN A 66 9.70 20.48 1.45
C ASN A 66 10.28 19.18 0.91
N MET A 67 9.69 18.67 -0.17
CA MET A 67 10.11 17.41 -0.76
C MET A 67 11.49 17.49 -1.41
N LYS A 68 11.79 18.62 -2.04
CA LYS A 68 13.11 18.80 -2.64
C LYS A 68 14.20 18.89 -1.57
N ALA A 69 13.90 19.59 -0.49
CA ALA A 69 14.84 19.71 0.62
C ALA A 69 15.01 18.37 1.34
N SER A 70 13.92 17.62 1.42
CA SER A 70 13.96 16.31 2.05
C SER A 70 14.76 15.33 1.20
N ALA A 71 14.54 15.37 -0.12
CA ALA A 71 15.31 14.54 -1.04
C ALA A 71 16.79 14.79 -0.87
N GLN A 72 17.18 16.07 -0.80
CA GLN A 72 18.58 16.43 -0.63
C GLN A 72 19.16 15.88 0.69
N THR A 73 18.39 16.02 1.77
CA THR A 73 18.85 15.56 3.08
C THR A 73 18.93 14.03 3.13
N TYR A 74 17.96 13.35 2.54
CA TYR A 74 17.95 11.89 2.53
C TYR A 74 19.10 11.34 1.69
N ARG A 75 19.48 12.05 0.64
CA ARG A 75 20.66 11.66 -0.14
C ARG A 75 21.93 11.80 0.68
N GLU A 76 22.01 12.87 1.47
CA GLU A 76 23.11 13.04 2.42
C GLU A 76 23.10 11.91 3.43
N ASN A 77 21.90 11.51 3.86
CA ASN A 77 21.76 10.45 4.86
C ASN A 77 22.18 9.08 4.35
N LEU A 78 21.93 8.82 3.06
CA LEU A 78 22.42 7.60 2.44
C LEU A 78 23.95 7.54 2.47
N ARG A 79 24.59 8.67 2.22
CA ARG A 79 26.05 8.74 2.27
C ARG A 79 26.57 8.51 3.70
N ILE A 80 25.88 9.09 4.67
CA ILE A 80 26.26 8.93 6.07
C ILE A 80 26.13 7.47 6.49
N ALA A 81 25.06 6.83 6.05
CA ALA A 81 24.82 5.42 6.37
C ALA A 81 25.96 4.53 5.89
N LEU A 82 26.48 4.84 4.70
CA LEU A 82 27.62 4.11 4.15
C LEU A 82 28.81 4.17 5.10
N ARG A 83 29.06 5.35 5.67
CA ARG A 83 30.13 5.52 6.67
C ARG A 83 29.84 4.69 7.92
N TYR A 84 28.64 4.83 8.47
CA TYR A 84 28.27 4.12 9.69
C TYR A 84 28.46 2.60 9.57
N TYR A 85 28.07 2.06 8.42
CA TYR A 85 28.08 0.61 8.21
C TYR A 85 29.30 0.13 7.44
N ASN A 86 30.21 1.05 7.12
CA ASN A 86 31.42 0.73 6.34
C ASN A 86 31.09 0.02 5.03
N GLN A 87 30.16 0.59 4.29
CA GLN A 87 29.70 0.00 3.03
C GLN A 87 30.30 0.75 1.83
N SER A 88 30.41 0.06 0.71
CA SER A 88 30.99 0.61 -0.51
C SER A 88 30.02 1.54 -1.24
N GLU A 89 30.57 2.48 -2.01
CA GLU A 89 29.74 3.39 -2.81
C GLU A 89 29.23 2.72 -4.08
N ALA A 90 29.43 1.41 -4.20
CA ALA A 90 29.02 0.67 -5.38
C ALA A 90 27.68 -0.05 -5.18
N GLY A 91 27.29 -0.23 -3.93
CA GLY A 91 26.05 -0.90 -3.61
C GLY A 91 24.88 0.06 -3.60
N SER A 92 23.69 -0.46 -3.86
CA SER A 92 22.46 0.31 -3.79
C SER A 92 21.83 0.11 -2.42
N HIS A 93 21.39 1.19 -1.80
CA HIS A 93 20.80 1.09 -0.46
C HIS A 93 19.51 1.89 -0.36
N ILE A 94 18.73 1.62 0.68
CA ILE A 94 17.39 2.18 0.79
C ILE A 94 17.11 2.67 2.20
N ILE A 95 16.63 3.91 2.28
CA ILE A 95 16.09 4.44 3.53
C ILE A 95 14.58 4.52 3.39
N GLN A 96 13.86 4.03 4.39
CA GLN A 96 12.41 4.14 4.41
C GLN A 96 12.02 4.82 5.71
N VAL A 97 11.12 5.79 5.62
CA VAL A 97 10.67 6.49 6.82
C VAL A 97 9.14 6.63 6.74
N MET A 98 8.47 6.35 7.84
CA MET A 98 7.06 6.68 7.94
C MET A 98 6.79 7.50 9.19
N TYR A 99 5.98 8.54 9.04
CA TYR A 99 5.64 9.37 10.18
C TYR A 99 4.23 9.88 10.03
N GLY A 100 3.64 10.35 11.13
CA GLY A 100 2.31 10.89 11.06
C GLY A 100 1.59 10.80 12.39
N CYS A 101 0.29 11.09 12.37
CA CYS A 101 -0.49 11.17 13.58
C CYS A 101 -1.80 10.40 13.47
N ASP A 102 -2.25 9.89 14.61
CA ASP A 102 -3.57 9.27 14.73
C ASP A 102 -4.43 10.17 15.60
N VAL A 103 -5.68 10.39 15.21
CA VAL A 103 -6.60 11.14 16.06
C VAL A 103 -7.85 10.33 16.38
N GLY A 104 -8.47 10.64 17.52
CA GLY A 104 -9.71 9.98 17.91
C GLY A 104 -10.90 10.64 17.25
N PRO A 105 -12.11 10.12 17.54
CA PRO A 105 -13.33 10.63 16.90
C PRO A 105 -13.62 12.08 17.24
N ASP A 106 -13.07 12.56 18.36
CA ASP A 106 -13.22 13.97 18.73
C ASP A 106 -12.13 14.86 18.13
N GLY A 107 -11.14 14.24 17.50
CA GLY A 107 -10.10 14.97 16.81
C GLY A 107 -8.84 15.22 17.62
N ARG A 108 -8.78 14.66 18.83
CA ARG A 108 -7.58 14.79 19.65
CA ARG A 108 -7.59 14.80 19.65
C ARG A 108 -6.51 13.80 19.22
N LEU A 109 -5.25 14.24 19.31
CA LEU A 109 -4.12 13.36 19.02
C LEU A 109 -4.13 12.12 19.91
N LEU A 110 -4.14 10.96 19.28
CA LEU A 110 -4.06 9.70 20.00
C LEU A 110 -2.60 9.27 20.12
N ARG A 111 -1.87 9.41 19.03
CA ARG A 111 -0.51 8.88 18.95
C ARG A 111 0.26 9.52 17.81
N GLY A 112 1.55 9.78 18.03
CA GLY A 112 2.42 10.25 16.97
C GLY A 112 3.34 9.13 16.53
N HIS A 113 3.81 9.18 15.29
CA HIS A 113 4.68 8.13 14.76
C HIS A 113 5.86 8.73 14.01
N ASP A 114 7.02 8.10 14.16
CA ASP A 114 8.17 8.37 13.30
C ASP A 114 9.16 7.23 13.42
N GLN A 115 9.18 6.36 12.43
CA GLN A 115 10.06 5.20 12.49
C GLN A 115 10.67 4.95 11.13
N SER A 116 11.80 4.26 11.12
CA SER A 116 12.50 4.10 9.87
C SER A 116 13.25 2.78 9.77
N ALA A 117 13.61 2.44 8.54
CA ALA A 117 14.43 1.27 8.26
C ALA A 117 15.56 1.65 7.33
N TYR A 118 16.70 0.98 7.48
CA TYR A 118 17.77 1.08 6.51
C TYR A 118 17.94 -0.31 5.90
N ASP A 119 17.85 -0.39 4.57
CA ASP A 119 17.85 -1.67 3.87
C ASP A 119 16.88 -2.70 4.45
N GLY A 120 15.71 -2.23 4.84
CA GLY A 120 14.63 -3.10 5.27
C GLY A 120 14.69 -3.59 6.71
N LYS A 121 15.67 -3.11 7.46
CA LYS A 121 15.79 -3.47 8.87
C LYS A 121 15.52 -2.22 9.71
N ASP A 122 14.78 -2.40 10.81
CA ASP A 122 14.49 -1.31 11.74
C ASP A 122 15.76 -0.50 12.05
N TYR A 123 15.64 0.81 11.99
CA TYR A 123 16.78 1.68 12.27
C TYR A 123 16.54 2.48 13.56
N ILE A 124 15.67 3.48 13.49
CA ILE A 124 15.37 4.27 14.68
C ILE A 124 13.90 4.67 14.68
N ALA A 125 13.31 4.73 15.87
CA ALA A 125 11.90 5.06 16.00
C ALA A 125 11.67 6.01 17.16
N LEU A 126 10.82 7.00 16.95
CA LEU A 126 10.42 7.90 18.01
C LEU A 126 9.48 7.13 18.93
N ASN A 127 9.77 7.14 20.23
CA ASN A 127 8.92 6.43 21.18
C ASN A 127 7.58 7.13 21.38
N GLU A 128 6.62 6.38 21.90
CA GLU A 128 5.26 6.91 22.06
C GLU A 128 5.20 8.16 22.94
N ASP A 129 6.20 8.30 23.81
CA ASP A 129 6.30 9.48 24.67
C ASP A 129 6.66 10.75 23.88
N LEU A 130 7.03 10.54 22.61
CA LEU A 130 7.40 11.62 21.69
C LEU A 130 8.59 12.45 22.19
N SER A 131 9.43 11.84 23.03
CA SER A 131 10.56 12.56 23.60
C SER A 131 11.83 11.72 23.66
N SER A 132 11.74 10.46 23.24
CA SER A 132 12.88 9.55 23.28
C SER A 132 12.86 8.62 22.07
N TRP A 133 14.00 8.01 21.80
CA TRP A 133 14.19 7.22 20.60
C TRP A 133 14.57 5.79 20.96
N THR A 134 14.09 4.84 20.17
CA THR A 134 14.60 3.48 20.26
C THR A 134 15.45 3.17 19.03
N ALA A 135 16.72 2.88 19.27
CA ALA A 135 17.70 2.65 18.20
C ALA A 135 17.98 1.16 18.12
N ALA A 136 17.93 0.62 16.91
CA ALA A 136 18.01 -0.83 16.73
C ALA A 136 19.42 -1.41 16.71
N ASP A 137 20.41 -0.60 16.39
CA ASP A 137 21.78 -1.10 16.32
C ASP A 137 22.79 0.00 16.66
N THR A 138 24.07 -0.32 16.58
CA THR A 138 25.09 0.66 16.97
C THR A 138 25.12 1.89 16.07
N ALA A 139 24.83 1.72 14.79
CA ALA A 139 24.74 2.85 13.86
C ALA A 139 23.61 3.81 14.26
N ALA A 140 22.44 3.25 14.53
CA ALA A 140 21.30 4.06 14.93
C ALA A 140 21.53 4.73 16.30
N GLN A 141 22.35 4.10 17.14
CA GLN A 141 22.71 4.72 18.42
C GLN A 141 23.52 5.99 18.19
N ILE A 142 24.34 6.02 17.14
CA ILE A 142 25.07 7.24 16.78
C ILE A 142 24.06 8.34 16.46
N THR A 143 23.08 8.00 15.63
CA THR A 143 22.02 8.93 15.24
C THR A 143 21.23 9.39 16.46
N GLN A 144 20.92 8.46 17.34
CA GLN A 144 20.17 8.76 18.56
C GLN A 144 20.81 9.88 19.37
N ARG A 145 22.12 9.77 19.58
CA ARG A 145 22.88 10.78 20.33
C ARG A 145 22.88 12.13 19.62
N LYS A 146 23.16 12.12 18.32
CA LYS A 146 23.07 13.35 17.52
C LYS A 146 21.70 14.00 17.58
N TRP A 147 20.65 13.19 17.59
CA TRP A 147 19.29 13.73 17.61
C TRP A 147 18.89 14.23 19.00
N GLU A 148 19.44 13.62 20.03
CA GLU A 148 19.22 14.13 21.38
C GLU A 148 19.88 15.49 21.52
N ALA A 149 21.10 15.60 21.00
CA ALA A 149 21.84 16.86 21.04
C ALA A 149 21.15 17.97 20.27
N ALA A 150 20.55 17.63 19.12
CA ALA A 150 19.96 18.63 18.25
C ALA A 150 18.47 18.84 18.50
N ARG A 151 17.98 18.25 19.59
CA ARG A 151 16.59 18.43 20.02
C ARG A 151 15.60 18.06 18.92
N VAL A 152 15.89 16.98 18.21
CA VAL A 152 15.06 16.56 17.09
C VAL A 152 13.67 16.10 17.54
N ALA A 153 13.62 15.36 18.64
CA ALA A 153 12.35 14.86 19.17
C ALA A 153 11.36 15.98 19.51
N GLU A 154 11.85 17.09 20.06
CA GLU A 154 10.95 18.20 20.44
C GLU A 154 10.31 18.85 19.22
N GLN A 155 11.08 18.97 18.15
CA GLN A 155 10.58 19.62 16.96
C GLN A 155 9.58 18.73 16.24
N LEU A 156 9.87 17.42 16.25
CA LEU A 156 8.97 16.42 15.69
C LEU A 156 7.68 16.37 16.49
N ARG A 157 7.81 16.30 17.82
CA ARG A 157 6.66 16.35 18.72
C ARG A 157 5.79 17.57 18.42
N ALA A 158 6.43 18.72 18.20
CA ALA A 158 5.71 19.96 17.93
C ALA A 158 4.88 19.83 16.67
N TYR A 159 5.47 19.21 15.65
CA TYR A 159 4.76 18.96 14.40
C TYR A 159 3.61 17.96 14.60
N LEU A 160 3.89 16.87 15.30
CA LEU A 160 2.90 15.80 15.44
C LEU A 160 1.69 16.23 16.26
N GLU A 161 1.93 17.02 17.30
CA GLU A 161 0.85 17.52 18.15
C GLU A 161 0.18 18.74 17.55
N GLY A 162 0.82 19.35 16.56
CA GLY A 162 0.35 20.61 16.01
C GLY A 162 -0.19 20.50 14.61
N LEU A 163 0.61 20.92 13.65
CA LEU A 163 0.21 20.93 12.24
C LEU A 163 -0.35 19.61 11.73
N CYS A 164 0.20 18.49 12.22
CA CYS A 164 -0.22 17.17 11.73
C CYS A 164 -1.70 16.95 12.03
N VAL A 165 -2.07 17.11 13.29
CA VAL A 165 -3.46 16.93 13.74
C VAL A 165 -4.39 17.94 13.08
N GLU A 166 -3.93 19.20 13.03
CA GLU A 166 -4.72 20.30 12.47
C GLU A 166 -5.02 20.09 10.99
N TRP A 167 -4.02 19.65 10.24
CA TRP A 167 -4.22 19.40 8.82
C TRP A 167 -5.00 18.10 8.55
N LEU A 168 -4.80 17.09 9.39
CA LEU A 168 -5.62 15.87 9.28
C LEU A 168 -7.10 16.20 9.43
N ARG A 169 -7.42 16.98 10.46
CA ARG A 169 -8.80 17.39 10.70
C ARG A 169 -9.37 18.14 9.50
N ARG A 170 -8.55 18.98 8.89
CA ARG A 170 -8.95 19.71 7.70
C ARG A 170 -9.27 18.76 6.54
N TYR A 171 -8.37 17.80 6.30
CA TYR A 171 -8.57 16.82 5.25
C TYR A 171 -9.83 15.98 5.46
N LEU A 172 -10.08 15.59 6.71
CA LEU A 172 -11.22 14.74 7.04
C LEU A 172 -12.54 15.47 6.82
N GLU A 173 -12.52 16.78 7.03
CA GLU A 173 -13.70 17.61 6.79
C GLU A 173 -13.88 17.86 5.30
N ASN A 174 -12.80 18.23 4.62
CA ASN A 174 -12.84 18.48 3.18
C ASN A 174 -13.22 17.24 2.38
N GLY A 175 -12.82 16.06 2.86
CA GLY A 175 -13.10 14.83 2.16
C GLY A 175 -14.13 13.96 2.87
N LYS A 176 -14.99 14.60 3.67
CA LYS A 176 -15.92 13.86 4.52
C LYS A 176 -16.86 12.95 3.73
N GLU A 177 -17.16 13.32 2.49
CA GLU A 177 -18.12 12.56 1.67
C GLU A 177 -17.56 11.23 1.18
N THR A 178 -16.26 11.02 1.39
CA THR A 178 -15.62 9.77 1.01
C THR A 178 -14.84 9.16 2.18
N LEU A 179 -14.10 10.01 2.88
CA LEU A 179 -13.26 9.55 3.99
C LEU A 179 -14.08 9.11 5.20
N GLN A 180 -15.24 9.70 5.40
CA GLN A 180 -16.08 9.35 6.55
C GLN A 180 -17.41 8.73 6.09
N ARG A 181 -17.38 8.17 4.89
CA ARG A 181 -18.53 7.50 4.30
CA ARG A 181 -18.53 7.50 4.31
C ARG A 181 -18.13 6.08 3.90
N ALA A 182 -18.36 5.13 4.80
CA ALA A 182 -17.99 3.74 4.56
C ALA A 182 -18.75 3.15 3.39
N ASP A 183 -18.02 2.49 2.48
CA ASP A 183 -18.61 1.88 1.29
C ASP A 183 -18.62 0.37 1.44
N PRO A 184 -19.83 -0.21 1.57
CA PRO A 184 -19.94 -1.65 1.81
C PRO A 184 -19.55 -2.45 0.58
N PRO A 185 -19.09 -3.69 0.79
CA PRO A 185 -18.72 -4.53 -0.34
C PRO A 185 -19.95 -4.98 -1.14
N LYS A 186 -19.80 -5.09 -2.45
CA LYS A 186 -20.75 -5.84 -3.25
C LYS A 186 -20.29 -7.28 -3.14
N THR A 187 -21.21 -8.18 -2.80
CA THR A 187 -20.83 -9.55 -2.53
C THR A 187 -21.56 -10.53 -3.43
N HIS A 188 -20.90 -11.66 -3.72
CA HIS A 188 -21.57 -12.78 -4.38
C HIS A 188 -20.75 -14.06 -4.23
N VAL A 189 -21.40 -15.20 -4.43
CA VAL A 189 -20.73 -16.48 -4.33
C VAL A 189 -20.71 -17.16 -5.69
N THR A 190 -19.55 -17.66 -6.09
CA THR A 190 -19.43 -18.39 -7.33
C THR A 190 -19.13 -19.84 -7.04
N HIS A 191 -19.46 -20.70 -8.00
CA HIS A 191 -19.34 -22.14 -7.84
C HIS A 191 -18.59 -22.69 -9.04
N HIS A 192 -17.54 -23.46 -8.79
CA HIS A 192 -16.71 -23.98 -9.88
C HIS A 192 -16.38 -25.45 -9.64
N PRO A 193 -17.03 -26.35 -10.40
CA PRO A 193 -16.70 -27.77 -10.28
C PRO A 193 -15.21 -27.98 -10.55
N ILE A 194 -14.56 -28.79 -9.72
CA ILE A 194 -13.17 -29.17 -9.96
C ILE A 194 -13.15 -30.55 -10.58
N SER A 195 -14.10 -31.38 -10.15
CA SER A 195 -14.30 -32.70 -10.74
C SER A 195 -15.76 -33.04 -10.59
N ASP A 196 -16.11 -34.30 -10.80
CA ASP A 196 -17.48 -34.73 -10.55
C ASP A 196 -17.78 -34.89 -9.06
N HIS A 197 -16.76 -34.77 -8.22
CA HIS A 197 -16.90 -35.07 -6.80
C HIS A 197 -16.60 -33.91 -5.85
N GLU A 198 -16.05 -32.83 -6.38
CA GLU A 198 -15.65 -31.69 -5.56
C GLU A 198 -15.90 -30.40 -6.30
N ALA A 199 -16.10 -29.31 -5.56
CA ALA A 199 -16.32 -28.00 -6.16
C ALA A 199 -15.71 -26.89 -5.29
N THR A 200 -15.33 -25.79 -5.95
CA THR A 200 -14.87 -24.60 -5.23
C THR A 200 -16.04 -23.65 -5.04
N LEU A 201 -16.24 -23.20 -3.81
CA LEU A 201 -17.13 -22.09 -3.54
C LEU A 201 -16.26 -20.88 -3.24
N ARG A 202 -16.51 -19.79 -3.95
CA ARG A 202 -15.71 -18.59 -3.75
C ARG A 202 -16.61 -17.43 -3.38
N CYS A 203 -16.30 -16.79 -2.25
CA CYS A 203 -17.11 -15.69 -1.77
C CYS A 203 -16.37 -14.38 -2.03
N TRP A 204 -17.00 -13.50 -2.80
CA TRP A 204 -16.37 -12.26 -3.25
C TRP A 204 -16.85 -11.05 -2.47
N ALA A 205 -15.93 -10.16 -2.13
CA ALA A 205 -16.28 -8.84 -1.60
C ALA A 205 -15.57 -7.79 -2.44
N LEU A 206 -16.34 -6.95 -3.12
CA LEU A 206 -15.78 -6.03 -4.10
C LEU A 206 -16.19 -4.58 -3.83
N GLY A 207 -15.29 -3.65 -4.13
CA GLY A 207 -15.60 -2.24 -4.10
C GLY A 207 -15.85 -1.64 -2.73
N PHE A 208 -15.17 -2.15 -1.71
CA PHE A 208 -15.40 -1.67 -0.35
C PHE A 208 -14.32 -0.70 0.15
N TYR A 209 -14.70 0.10 1.15
CA TYR A 209 -13.78 1.04 1.80
C TYR A 209 -14.32 1.29 3.20
N PRO A 210 -13.44 1.26 4.21
CA PRO A 210 -11.98 1.06 4.12
C PRO A 210 -11.58 -0.40 3.94
N ALA A 211 -10.29 -0.68 3.99
CA ALA A 211 -9.77 -2.00 3.63
C ALA A 211 -10.13 -3.10 4.63
N GLU A 212 -10.28 -2.73 5.90
CA GLU A 212 -10.55 -3.73 6.93
C GLU A 212 -11.85 -4.47 6.67
N ILE A 213 -11.78 -5.80 6.66
CA ILE A 213 -12.94 -6.63 6.38
C ILE A 213 -12.72 -8.02 6.97
N THR A 214 -13.80 -8.74 7.25
CA THR A 214 -13.72 -10.14 7.65
C THR A 214 -14.55 -10.98 6.68
N LEU A 215 -13.93 -12.01 6.12
CA LEU A 215 -14.60 -12.90 5.17
C LEU A 215 -14.36 -14.33 5.63
N THR A 216 -15.44 -15.05 5.96
CA THR A 216 -15.31 -16.39 6.52
C THR A 216 -16.33 -17.37 5.94
N TRP A 217 -15.93 -18.63 5.84
CA TRP A 217 -16.86 -19.69 5.44
C TRP A 217 -17.24 -20.53 6.66
N GLN A 218 -18.51 -20.88 6.76
CA GLN A 218 -18.94 -21.84 7.76
C GLN A 218 -19.59 -23.06 7.09
N ARG A 219 -19.37 -24.23 7.68
CA ARG A 219 -20.04 -25.45 7.25
C ARG A 219 -20.92 -25.92 8.38
N ASP A 220 -22.23 -25.94 8.15
CA ASP A 220 -23.21 -26.23 9.19
C ASP A 220 -23.05 -25.31 10.41
N GLY A 221 -22.58 -24.10 10.16
CA GLY A 221 -22.32 -23.17 11.26
C GLY A 221 -21.07 -23.51 12.05
N GLU A 222 -20.13 -24.20 11.41
CA GLU A 222 -18.81 -24.42 11.99
C GLU A 222 -17.77 -23.70 11.13
N ASP A 223 -16.91 -22.92 11.79
CA ASP A 223 -15.92 -22.10 11.09
C ASP A 223 -14.87 -22.92 10.33
N GLN A 224 -14.58 -22.52 9.09
CA GLN A 224 -13.71 -23.28 8.21
C GLN A 224 -12.42 -22.52 7.84
N THR A 225 -12.01 -21.59 8.69
CA THR A 225 -10.88 -20.72 8.37
C THR A 225 -9.61 -21.48 8.00
N GLN A 226 -9.40 -22.62 8.64
CA GLN A 226 -8.18 -23.41 8.42
C GLN A 226 -8.22 -24.20 7.10
N ASP A 227 -9.39 -24.27 6.49
CA ASP A 227 -9.55 -24.93 5.19
C ASP A 227 -9.83 -23.92 4.07
N THR A 228 -9.75 -22.64 4.40
CA THR A 228 -10.12 -21.59 3.46
C THR A 228 -8.90 -20.94 2.82
N GLU A 229 -8.94 -20.79 1.50
CA GLU A 229 -7.96 -19.94 0.83
C GLU A 229 -8.46 -18.50 0.87
N LEU A 230 -7.71 -17.65 1.56
CA LEU A 230 -8.12 -16.27 1.74
C LEU A 230 -7.04 -15.37 1.13
N VAL A 231 -7.36 -14.67 0.05
CA VAL A 231 -6.35 -13.83 -0.59
C VAL A 231 -6.15 -12.52 0.16
N GLU A 232 -4.95 -11.96 0.03
CA GLU A 232 -4.68 -10.66 0.63
C GLU A 232 -5.58 -9.62 0.00
N THR A 233 -6.08 -8.71 0.84
CA THR A 233 -6.89 -7.60 0.35
C THR A 233 -6.09 -6.81 -0.67
N ARG A 234 -6.74 -6.43 -1.77
CA ARG A 234 -6.03 -5.83 -2.90
C ARG A 234 -6.80 -4.61 -3.41
N PRO A 235 -6.07 -3.60 -3.92
CA PRO A 235 -6.71 -2.39 -4.43
C PRO A 235 -7.43 -2.64 -5.75
N ALA A 236 -8.64 -2.11 -5.88
CA ALA A 236 -9.40 -2.27 -7.12
C ALA A 236 -8.84 -1.38 -8.20
N GLY A 237 -8.21 -0.28 -7.79
CA GLY A 237 -7.68 0.70 -8.74
C GLY A 237 -8.48 1.98 -8.71
N ASP A 238 -9.59 1.98 -7.98
CA ASP A 238 -10.48 3.13 -7.92
C ASP A 238 -10.66 3.63 -6.49
N ARG A 239 -9.62 3.43 -5.68
CA ARG A 239 -9.62 3.79 -4.25
C ARG A 239 -10.42 2.86 -3.36
N THR A 240 -11.03 1.82 -3.94
CA THR A 240 -11.70 0.81 -3.12
C THR A 240 -10.91 -0.49 -3.13
N PHE A 241 -11.42 -1.51 -2.44
CA PHE A 241 -10.66 -2.74 -2.24
C PHE A 241 -11.45 -3.99 -2.62
N GLN A 242 -10.75 -5.10 -2.77
CA GLN A 242 -11.35 -6.39 -3.10
C GLN A 242 -10.75 -7.46 -2.23
N LYS A 243 -11.53 -8.51 -1.99
CA LYS A 243 -11.02 -9.69 -1.31
C LYS A 243 -11.92 -10.86 -1.67
N TRP A 244 -11.39 -12.07 -1.60
CA TRP A 244 -12.23 -13.24 -1.66
C TRP A 244 -11.72 -14.38 -0.81
N ALA A 245 -12.62 -15.30 -0.48
CA ALA A 245 -12.30 -16.46 0.32
C ALA A 245 -12.93 -17.67 -0.36
N ALA A 246 -12.15 -18.73 -0.52
CA ALA A 246 -12.64 -19.93 -1.22
C ALA A 246 -12.45 -21.19 -0.41
N VAL A 247 -13.38 -22.14 -0.55
CA VAL A 247 -13.24 -23.47 0.05
C VAL A 247 -13.53 -24.50 -1.02
N VAL A 248 -12.82 -25.62 -0.97
CA VAL A 248 -13.13 -26.74 -1.85
C VAL A 248 -14.03 -27.67 -1.05
N VAL A 249 -15.20 -27.97 -1.58
CA VAL A 249 -16.18 -28.75 -0.84
C VAL A 249 -16.54 -30.05 -1.57
N PRO A 250 -16.94 -31.08 -0.81
CA PRO A 250 -17.44 -32.30 -1.44
C PRO A 250 -18.74 -32.01 -2.18
N SER A 251 -18.88 -32.51 -3.39
CA SER A 251 -20.12 -32.31 -4.15
C SER A 251 -21.30 -32.78 -3.32
N GLY A 252 -22.32 -31.94 -3.22
CA GLY A 252 -23.48 -32.27 -2.42
C GLY A 252 -23.54 -31.54 -1.10
N GLU A 253 -22.43 -30.94 -0.68
CA GLU A 253 -22.38 -30.19 0.58
C GLU A 253 -22.56 -28.68 0.40
N GLU A 254 -22.61 -28.22 -0.84
CA GLU A 254 -22.60 -26.78 -1.14
C GLU A 254 -23.63 -25.93 -0.38
N GLN A 255 -24.85 -26.45 -0.20
CA GLN A 255 -25.88 -25.69 0.49
C GLN A 255 -25.70 -25.67 2.02
N ARG A 256 -24.71 -26.43 2.50
CA ARG A 256 -24.37 -26.43 3.90
C ARG A 256 -23.34 -25.36 4.22
N TYR A 257 -22.78 -24.73 3.19
CA TYR A 257 -21.76 -23.70 3.37
C TYR A 257 -22.35 -22.31 3.28
N THR A 258 -21.93 -21.44 4.20
CA THR A 258 -22.38 -20.06 4.21
C THR A 258 -21.19 -19.13 4.29
N CYS A 259 -21.24 -18.03 3.54
CA CYS A 259 -20.16 -17.05 3.60
C CYS A 259 -20.59 -15.90 4.48
N HIS A 260 -19.69 -15.47 5.36
CA HIS A 260 -20.00 -14.43 6.33
C HIS A 260 -19.07 -13.23 6.15
N VAL A 261 -19.70 -12.06 5.99
CA VAL A 261 -19.00 -10.84 5.67
C VAL A 261 -19.22 -9.81 6.78
N GLN A 262 -18.12 -9.31 7.34
CA GLN A 262 -18.17 -8.25 8.33
C GLN A 262 -17.44 -7.03 7.78
N HIS A 263 -18.12 -5.89 7.74
CA HIS A 263 -17.52 -4.65 7.24
C HIS A 263 -18.20 -3.42 7.85
N GLU A 264 -17.43 -2.36 8.07
CA GLU A 264 -17.94 -1.12 8.65
C GLU A 264 -19.13 -0.55 7.88
N GLY A 265 -19.11 -0.71 6.56
CA GLY A 265 -20.16 -0.19 5.69
C GLY A 265 -21.44 -1.00 5.69
N LEU A 266 -21.40 -2.15 6.37
CA LEU A 266 -22.58 -2.98 6.55
C LEU A 266 -23.10 -2.80 7.98
N PRO A 267 -24.39 -2.47 8.11
CA PRO A 267 -25.05 -2.36 9.42
C PRO A 267 -24.96 -3.65 10.24
N LYS A 268 -25.11 -4.79 9.56
CA LYS A 268 -25.14 -6.08 10.24
C LYS A 268 -24.27 -7.09 9.52
N PRO A 269 -23.81 -8.11 10.26
CA PRO A 269 -23.21 -9.30 9.65
C PRO A 269 -24.03 -9.79 8.44
N LEU A 270 -23.35 -10.08 7.34
CA LEU A 270 -23.98 -10.52 6.11
C LEU A 270 -23.73 -12.02 5.94
N THR A 271 -24.73 -12.74 5.45
CA THR A 271 -24.62 -14.17 5.23
C THR A 271 -25.09 -14.57 3.82
N LEU A 272 -24.22 -15.27 3.10
CA LEU A 272 -24.44 -15.59 1.69
C LEU A 272 -24.30 -17.08 1.40
N ARG A 273 -25.00 -17.53 0.37
CA ARG A 273 -24.82 -18.88 -0.14
C ARG A 273 -24.71 -18.86 -1.65
N TRP A 274 -24.27 -19.96 -2.23
CA TRP A 274 -24.34 -20.13 -3.68
C TRP A 274 -25.81 -20.17 -4.06
N GLU A 275 -26.18 -19.32 -5.02
CA GLU A 275 -27.54 -19.29 -5.56
C GLU A 275 -27.49 -19.84 -6.97
N PRO A 276 -27.81 -21.12 -7.14
CA PRO A 276 -27.70 -21.84 -8.42
C PRO A 276 -28.65 -21.29 -9.47
N ILE B 2 18.69 -7.67 3.30
CA ILE B 2 17.47 -8.47 3.33
C ILE B 2 16.82 -8.54 1.94
N GLN B 3 16.16 -9.67 1.67
CA GLN B 3 15.48 -9.86 0.41
C GLN B 3 14.14 -10.53 0.65
N ARG B 4 13.11 -10.06 -0.04
CA ARG B 4 11.77 -10.64 0.04
C ARG B 4 11.20 -10.71 -1.37
N THR B 5 10.69 -11.87 -1.73
CA THR B 5 10.19 -12.07 -3.10
C THR B 5 8.75 -11.56 -3.20
N PRO B 6 8.39 -10.97 -4.36
CA PRO B 6 7.05 -10.41 -4.52
C PRO B 6 5.92 -11.43 -4.47
N LYS B 7 4.85 -11.06 -3.76
CA LYS B 7 3.56 -11.71 -3.90
C LYS B 7 2.90 -11.05 -5.09
N ILE B 8 2.13 -11.82 -5.86
CA ILE B 8 1.56 -11.34 -7.11
C ILE B 8 0.08 -11.72 -7.21
N GLN B 9 -0.77 -10.74 -7.47
CA GLN B 9 -2.16 -11.04 -7.82
C GLN B 9 -2.49 -10.35 -9.13
N VAL B 10 -3.12 -11.09 -10.05
CA VAL B 10 -3.61 -10.52 -11.29
C VAL B 10 -5.12 -10.66 -11.29
N TYR B 11 -5.82 -9.59 -11.65
CA TYR B 11 -7.28 -9.55 -11.50
C TYR B 11 -7.85 -8.34 -12.21
N SER B 12 -9.16 -8.32 -12.37
CA SER B 12 -9.81 -7.17 -12.99
C SER B 12 -10.43 -6.25 -11.94
N ARG B 13 -10.63 -4.99 -12.30
CA ARG B 13 -11.24 -4.04 -11.38
C ARG B 13 -12.71 -4.38 -11.14
N HIS B 14 -13.42 -4.67 -12.23
CA HIS B 14 -14.80 -5.11 -12.16
C HIS B 14 -14.89 -6.56 -12.66
N PRO B 15 -15.90 -7.31 -12.22
CA PRO B 15 -16.09 -8.67 -12.73
C PRO B 15 -16.17 -8.66 -14.25
N ALA B 16 -15.49 -9.60 -14.88
CA ALA B 16 -15.34 -9.59 -16.33
C ALA B 16 -16.62 -9.94 -17.09
N GLU B 17 -16.92 -9.15 -18.11
CA GLU B 17 -17.92 -9.49 -19.12
C GLU B 17 -17.24 -9.38 -20.47
N ASN B 18 -17.37 -10.40 -21.31
CA ASN B 18 -16.80 -10.31 -22.65
C ASN B 18 -17.37 -9.13 -23.44
N GLY B 19 -16.48 -8.30 -23.98
CA GLY B 19 -16.90 -7.17 -24.79
C GLY B 19 -17.10 -5.88 -24.01
N LYS B 20 -17.00 -5.96 -22.69
CA LYS B 20 -17.18 -4.78 -21.85
C LYS B 20 -15.84 -4.27 -21.32
N SER B 21 -15.62 -2.97 -21.41
CA SER B 21 -14.36 -2.36 -21.01
C SER B 21 -14.12 -2.51 -19.51
N ASN B 22 -12.85 -2.61 -19.13
CA ASN B 22 -12.47 -2.95 -17.77
C ASN B 22 -11.04 -2.51 -17.50
N PHE B 23 -10.51 -2.88 -16.34
CA PHE B 23 -9.11 -2.63 -16.03
C PHE B 23 -8.45 -3.92 -15.58
N LEU B 24 -7.31 -4.23 -16.18
CA LEU B 24 -6.50 -5.38 -15.79
C LEU B 24 -5.47 -4.93 -14.77
N ASN B 25 -5.47 -5.57 -13.61
CA ASN B 25 -4.56 -5.20 -12.53
C ASN B 25 -3.53 -6.27 -12.23
N CYS B 26 -2.31 -5.84 -11.95
CA CYS B 26 -1.31 -6.72 -11.36
C CYS B 26 -0.79 -6.05 -10.10
N TYR B 27 -1.16 -6.62 -8.96
CA TYR B 27 -0.76 -6.09 -7.66
C TYR B 27 0.44 -6.86 -7.15
N VAL B 28 1.55 -6.15 -6.95
CA VAL B 28 2.77 -6.78 -6.45
C VAL B 28 3.07 -6.20 -5.08
N SER B 29 3.37 -7.06 -4.11
CA SER B 29 3.51 -6.63 -2.74
C SER B 29 4.50 -7.53 -2.00
N GLY B 30 4.87 -7.11 -0.80
CA GLY B 30 5.70 -7.93 0.07
C GLY B 30 7.14 -8.11 -0.38
N PHE B 31 7.61 -7.23 -1.25
CA PHE B 31 8.96 -7.39 -1.80
C PHE B 31 9.99 -6.38 -1.29
N HIS B 32 11.26 -6.79 -1.35
CA HIS B 32 12.38 -5.95 -0.96
C HIS B 32 13.60 -6.59 -1.59
N PRO B 33 14.51 -5.78 -2.16
CA PRO B 33 14.43 -4.32 -2.28
C PRO B 33 13.44 -3.85 -3.36
N SER B 34 13.50 -2.58 -3.69
CA SER B 34 12.40 -1.89 -4.36
C SER B 34 12.34 -2.04 -5.88
N ASP B 35 13.48 -2.30 -6.52
CA ASP B 35 13.53 -2.44 -7.97
C ASP B 35 12.71 -3.64 -8.39
N ILE B 36 11.77 -3.42 -9.30
CA ILE B 36 10.93 -4.51 -9.79
C ILE B 36 10.47 -4.23 -11.21
N GLU B 37 10.38 -5.27 -12.02
CA GLU B 37 9.94 -5.12 -13.40
C GLU B 37 8.61 -5.83 -13.54
N VAL B 38 7.58 -5.10 -13.96
CA VAL B 38 6.24 -5.68 -14.09
C VAL B 38 5.65 -5.37 -15.46
N ASP B 39 5.25 -6.41 -16.18
CA ASP B 39 4.64 -6.24 -17.49
C ASP B 39 3.28 -6.93 -17.56
N LEU B 40 2.34 -6.27 -18.21
CA LEU B 40 1.05 -6.88 -18.50
CA LEU B 40 1.05 -6.87 -18.50
C LEU B 40 1.10 -7.44 -19.91
N LEU B 41 0.66 -8.69 -20.07
CA LEU B 41 0.78 -9.37 -21.35
C LEU B 41 -0.60 -9.65 -21.94
N LYS B 42 -0.71 -9.45 -23.25
CA LYS B 42 -1.88 -9.90 -23.98
C LYS B 42 -1.42 -10.95 -24.98
N ASN B 43 -1.90 -12.17 -24.81
CA ASN B 43 -1.47 -13.32 -25.60
C ASN B 43 0.06 -13.43 -25.68
N GLY B 44 0.70 -13.43 -24.52
CA GLY B 44 2.14 -13.58 -24.45
C GLY B 44 2.94 -12.34 -24.79
N GLU B 45 2.26 -11.31 -25.28
CA GLU B 45 2.94 -10.09 -25.75
C GLU B 45 2.74 -8.92 -24.80
N ARG B 46 3.81 -8.17 -24.58
CA ARG B 46 3.81 -7.03 -23.67
C ARG B 46 2.84 -5.93 -24.08
N ILE B 47 2.03 -5.48 -23.14
CA ILE B 47 1.11 -4.37 -23.39
C ILE B 47 1.85 -3.04 -23.18
N GLU B 48 1.64 -2.09 -24.09
CA GLU B 48 2.46 -0.87 -24.17
C GLU B 48 2.11 0.28 -23.22
N LYS B 49 0.85 0.39 -22.84
CA LYS B 49 0.36 1.62 -22.20
C LYS B 49 0.24 1.57 -20.67
N VAL B 50 0.90 0.61 -20.04
CA VAL B 50 0.65 0.29 -18.63
C VAL B 50 1.09 1.38 -17.64
N GLU B 51 0.19 1.75 -16.74
CA GLU B 51 0.48 2.70 -15.67
C GLU B 51 0.71 1.98 -14.34
N HIS B 52 1.28 2.67 -13.38
CA HIS B 52 1.41 2.10 -12.04
C HIS B 52 1.26 3.13 -10.92
N SER B 53 0.92 2.65 -9.74
CA SER B 53 0.79 3.49 -8.56
C SER B 53 2.16 3.93 -8.06
N ASP B 54 2.18 4.85 -7.10
CA ASP B 54 3.44 5.30 -6.53
C ASP B 54 3.92 4.33 -5.46
N LEU B 55 5.22 4.07 -5.48
CA LEU B 55 5.86 3.16 -4.54
C LEU B 55 5.54 3.49 -3.09
N SER B 56 4.98 2.51 -2.39
CA SER B 56 4.73 2.66 -0.96
C SER B 56 5.18 1.39 -0.26
N PHE B 57 4.99 1.34 1.05
CA PHE B 57 5.41 0.16 1.80
C PHE B 57 4.53 -0.08 3.00
N SER B 58 4.52 -1.33 3.45
CA SER B 58 3.73 -1.77 4.59
C SER B 58 4.53 -1.61 5.88
N LYS B 59 3.94 -1.98 7.00
CA LYS B 59 4.56 -1.77 8.31
C LYS B 59 5.83 -2.60 8.50
N ASP B 60 5.94 -3.70 7.76
CA ASP B 60 7.15 -4.53 7.82
C ASP B 60 8.21 -4.07 6.82
N TRP B 61 7.98 -2.91 6.21
CA TRP B 61 8.90 -2.26 5.26
C TRP B 61 8.86 -2.80 3.84
N SER B 62 8.09 -3.86 3.60
CA SER B 62 8.05 -4.43 2.27
C SER B 62 7.23 -3.53 1.34
N PHE B 63 7.65 -3.46 0.08
CA PHE B 63 7.07 -2.55 -0.88
C PHE B 63 5.83 -3.12 -1.57
N TYR B 64 5.00 -2.25 -2.12
CA TYR B 64 3.88 -2.68 -2.94
C TYR B 64 3.54 -1.66 -4.01
N LEU B 65 3.05 -2.17 -5.14
CA LEU B 65 2.76 -1.37 -6.32
C LEU B 65 1.58 -2.00 -7.05
N LEU B 66 0.74 -1.17 -7.65
CA LEU B 66 -0.30 -1.66 -8.53
C LEU B 66 -0.02 -1.22 -9.96
N TYR B 67 0.08 -2.18 -10.87
CA TYR B 67 0.19 -1.92 -12.29
C TYR B 67 -1.16 -2.21 -12.95
N TYR B 68 -1.54 -1.38 -13.91
CA TYR B 68 -2.88 -1.49 -14.49
C TYR B 68 -2.95 -0.95 -15.91
N THR B 69 -3.91 -1.48 -16.66
CA THR B 69 -4.20 -0.97 -17.99
C THR B 69 -5.66 -1.23 -18.31
N GLU B 70 -6.26 -0.33 -19.07
CA GLU B 70 -7.60 -0.54 -19.59
C GLU B 70 -7.56 -1.75 -20.52
N PHE B 71 -8.57 -2.61 -20.43
CA PHE B 71 -8.68 -3.72 -21.38
C PHE B 71 -10.12 -4.15 -21.57
N THR B 72 -10.36 -4.84 -22.68
CA THR B 72 -11.64 -5.47 -22.91
C THR B 72 -11.47 -6.97 -23.04
N PRO B 73 -11.92 -7.71 -22.02
CA PRO B 73 -11.81 -9.17 -22.02
C PRO B 73 -12.66 -9.80 -23.12
N THR B 74 -12.13 -10.84 -23.76
CA THR B 74 -12.89 -11.64 -24.70
C THR B 74 -12.80 -13.11 -24.30
N GLU B 75 -13.48 -13.98 -25.05
CA GLU B 75 -13.53 -15.40 -24.69
C GLU B 75 -12.16 -16.09 -24.74
N LYS B 76 -11.40 -15.83 -25.80
CA LYS B 76 -10.15 -16.57 -26.00
C LYS B 76 -8.88 -15.73 -25.96
N ASP B 77 -9.02 -14.43 -25.72
CA ASP B 77 -7.85 -13.58 -25.47
C ASP B 77 -7.31 -13.88 -24.08
N GLU B 78 -6.02 -14.15 -23.99
CA GLU B 78 -5.39 -14.47 -22.71
C GLU B 78 -4.54 -13.32 -22.19
N TYR B 79 -4.64 -13.06 -20.89
CA TYR B 79 -3.89 -12.00 -20.24
C TYR B 79 -3.07 -12.55 -19.08
N ALA B 80 -1.97 -11.89 -18.78
CA ALA B 80 -1.08 -12.36 -17.72
C ALA B 80 -0.24 -11.22 -17.21
N CYS B 81 0.43 -11.44 -16.09
CA CYS B 81 1.36 -10.46 -15.55
C CYS B 81 2.71 -11.14 -15.42
N ARG B 82 3.75 -10.47 -15.90
CA ARG B 82 5.11 -11.00 -15.83
C ARG B 82 5.96 -10.14 -14.90
N VAL B 83 6.52 -10.78 -13.88
CA VAL B 83 7.24 -10.05 -12.84
C VAL B 83 8.69 -10.50 -12.73
N ASN B 84 9.62 -9.54 -12.72
CA ASN B 84 11.01 -9.85 -12.41
C ASN B 84 11.50 -9.08 -11.20
N HIS B 85 12.33 -9.74 -10.40
CA HIS B 85 12.85 -9.16 -9.17
C HIS B 85 14.18 -9.84 -8.91
N VAL B 86 15.06 -9.21 -8.13
CA VAL B 86 16.37 -9.78 -7.84
C VAL B 86 16.27 -11.17 -7.19
N THR B 87 15.16 -11.42 -6.51
CA THR B 87 14.95 -12.72 -5.86
C THR B 87 14.46 -13.81 -6.82
N LEU B 88 14.12 -13.42 -8.04
CA LEU B 88 13.57 -14.39 -9.00
C LEU B 88 14.63 -14.88 -9.97
N SER B 89 14.76 -16.20 -10.10
CA SER B 89 15.73 -16.80 -11.01
C SER B 89 15.33 -16.53 -12.44
N GLN B 90 14.06 -16.75 -12.77
CA GLN B 90 13.50 -16.29 -14.04
C GLN B 90 12.20 -15.54 -13.73
N PRO B 91 11.75 -14.68 -14.67
CA PRO B 91 10.50 -13.95 -14.48
C PRO B 91 9.33 -14.87 -14.16
N LYS B 92 8.48 -14.45 -13.23
N LYS B 92 8.48 -14.44 -13.24
CA LYS B 92 7.30 -15.23 -12.89
CA LYS B 92 7.29 -15.19 -12.87
C LYS B 92 6.12 -14.71 -13.71
C LYS B 92 6.13 -14.71 -13.73
N ILE B 93 5.38 -15.64 -14.32
CA ILE B 93 4.22 -15.28 -15.10
C ILE B 93 2.96 -15.83 -14.44
N VAL B 94 2.03 -14.93 -14.13
CA VAL B 94 0.77 -15.33 -13.53
C VAL B 94 -0.36 -15.02 -14.50
N LYS B 95 -1.09 -16.06 -14.92
CA LYS B 95 -2.19 -15.88 -15.86
C LYS B 95 -3.40 -15.25 -15.18
N TRP B 96 -4.09 -14.38 -15.90
CA TRP B 96 -5.35 -13.85 -15.43
C TRP B 96 -6.45 -14.89 -15.52
N ASP B 97 -7.13 -15.12 -14.40
CA ASP B 97 -8.29 -15.99 -14.33
C ASP B 97 -9.44 -15.13 -13.84
N ARG B 98 -10.48 -15.00 -14.65
CA ARG B 98 -11.60 -14.12 -14.30
C ARG B 98 -12.36 -14.61 -13.06
N ASP B 99 -12.14 -15.87 -12.68
CA ASP B 99 -12.75 -16.44 -11.49
C ASP B 99 -11.90 -16.19 -10.25
N MET B 100 -10.81 -15.43 -10.41
CA MET B 100 -9.91 -15.14 -9.30
C MET B 100 -9.48 -13.68 -9.24
N LEU C 1 -0.35 17.53 5.62
CA LEU C 1 0.77 18.45 5.42
C LEU C 1 2.07 17.87 5.96
N THR C 2 3.10 17.85 5.12
CA THR C 2 4.39 17.30 5.53
C THR C 2 5.09 18.22 6.52
N THR C 3 6.02 17.65 7.28
CA THR C 3 6.76 18.45 8.24
C THR C 3 7.79 19.34 7.54
N LYS C 4 8.04 20.50 8.12
CA LYS C 4 9.02 21.43 7.57
C LYS C 4 10.40 21.21 8.17
N LEU C 5 10.50 20.22 9.05
CA LEU C 5 11.80 19.79 9.55
C LEU C 5 12.43 18.96 8.45
N THR C 6 13.25 19.58 7.61
CA THR C 6 13.78 18.91 6.43
C THR C 6 15.31 18.79 6.47
N ASN C 7 15.92 19.32 7.52
CA ASN C 7 17.36 19.44 7.59
C ASN C 7 18.05 18.32 8.38
N THR C 8 17.29 17.36 8.88
CA THR C 8 17.82 16.41 9.86
C THR C 8 18.73 15.34 9.26
N ASN C 9 20.01 15.40 9.58
CA ASN C 9 20.93 14.34 9.17
C ASN C 9 20.98 13.25 10.22
N ILE C 10 21.16 12.01 9.78
CA ILE C 10 21.35 10.90 10.69
C ILE C 10 22.78 10.86 11.21
#